data_3IVX
#
_entry.id   3IVX
#
_cell.length_a   48.710
_cell.length_b   70.830
_cell.length_c   81.920
_cell.angle_alpha   90.00
_cell.angle_beta   99.66
_cell.angle_gamma   90.00
#
_symmetry.space_group_name_H-M   'P 1 21 1'
#
loop_
_entity.id
_entity.type
_entity.pdbx_description
1 polymer 'Pantothenate synthetase'
2 non-polymer '{2-[(1-benzofuran-2-ylsulfonyl)carbamoyl]-5-methoxy-1H-indol-1-yl}acetic acid'
3 non-polymer ETHANOL
4 non-polymer 1,2-ETHANEDIOL
5 non-polymer GLYCEROL
6 water water
#
_entity_poly.entity_id   1
_entity_poly.type   'polypeptide(L)'
_entity_poly.pdbx_seq_one_letter_code
;MAIPAFHPGELNVYSAPGDVADVSRALRLTGRRVMLVPTMGALHEGHLALVRAAKRVPGSVVVVSIFVNPMQFGAGGDLD
AYPRTPDDDLAQLRAEGVEIAFTPTTAAMYPDGLRTTVQPGPLAAELEGGPRPTHFAGVLTVVLKLLQIVRPDRVFFGEK
DYQQLVLIRQLVADFNLDVAVVGVPTVREADGLAMSSRNRYLDPAQRAAAVALSAALTAAAHAATAGAQAALDAARAVLD
AAPGVAVDYLELRDIGLGPMPLNGSGRLLVAARLGTTRLLDNIAIEIGTFAGTDRPDGYRA
;
_entity_poly.pdbx_strand_id   A,B
#
loop_
_chem_comp.id
_chem_comp.type
_chem_comp.name
_chem_comp.formula
EDO non-polymer 1,2-ETHANEDIOL 'C2 H6 O2'
EOH non-polymer ETHANOL 'C2 H6 O'
FG6 non-polymer '{2-[(1-benzofuran-2-ylsulfonyl)carbamoyl]-5-methoxy-1H-indol-1-yl}acetic acid' 'C20 H16 N2 O7 S'
GOL non-polymer GLYCEROL 'C3 H8 O3'
#
# COMPACT_ATOMS: atom_id res chain seq x y z
N ILE A 3 16.33 -19.59 -4.41
CA ILE A 3 16.81 -19.09 -3.09
C ILE A 3 18.34 -18.90 -3.14
N PRO A 4 18.80 -17.67 -2.85
CA PRO A 4 20.23 -17.35 -2.81
C PRO A 4 20.89 -18.03 -1.62
N ALA A 5 22.22 -18.01 -1.57
CA ALA A 5 22.95 -18.50 -0.39
C ALA A 5 22.61 -17.70 0.86
N PHE A 6 22.31 -18.42 1.94
CA PHE A 6 22.21 -17.83 3.28
C PHE A 6 23.10 -18.59 4.24
N HIS A 7 24.07 -17.88 4.81
CA HIS A 7 24.94 -18.46 5.82
C HIS A 7 24.56 -17.99 7.22
N PRO A 8 23.94 -18.88 8.03
CA PRO A 8 23.60 -18.54 9.42
C PRO A 8 24.83 -18.09 10.21
N GLY A 9 24.61 -17.20 11.16
CA GLY A 9 25.71 -16.68 12.01
C GLY A 9 26.58 -15.63 11.37
N GLU A 10 26.39 -15.41 10.07
CA GLU A 10 27.14 -14.40 9.34
C GLU A 10 26.24 -13.31 8.77
N LEU A 11 26.86 -12.19 8.39
CA LEU A 11 26.16 -11.10 7.73
C LEU A 11 26.08 -11.40 6.24
N ASN A 12 24.86 -11.70 5.79
CA ASN A 12 24.53 -11.92 4.39
C ASN A 12 23.92 -10.66 3.82
N VAL A 13 24.51 -10.13 2.75
CA VAL A 13 24.05 -8.84 2.17
C VAL A 13 23.40 -9.12 0.82
N TYR A 14 22.13 -8.72 0.68
CA TYR A 14 21.40 -8.86 -0.58
C TYR A 14 20.98 -7.49 -1.13
N SER A 15 21.21 -7.29 -2.43
CA SER A 15 20.73 -6.07 -3.10
C SER A 15 19.42 -6.29 -3.85
N ALA A 16 19.23 -7.46 -4.43
CA ALA A 16 17.99 -7.72 -5.17
C ALA A 16 16.80 -7.93 -4.26
N PRO A 17 15.69 -7.17 -4.46
CA PRO A 17 14.49 -7.45 -3.66
C PRO A 17 14.06 -8.93 -3.69
N GLY A 18 14.14 -9.57 -4.86
CA GLY A 18 13.75 -10.98 -4.99
C GLY A 18 14.62 -11.91 -4.15
N ASP A 19 15.90 -11.58 -4.01
CA ASP A 19 16.82 -12.38 -3.17
C ASP A 19 16.40 -12.37 -1.69
N VAL A 20 16.20 -11.18 -1.13
CA VAL A 20 15.86 -11.12 0.28
C VAL A 20 14.47 -11.66 0.51
N ALA A 21 13.57 -11.47 -0.47
CA ALA A 21 12.22 -12.00 -0.37
C ALA A 21 12.27 -13.53 -0.27
N ASP A 22 13.13 -14.12 -1.08
CA ASP A 22 13.19 -15.58 -1.19
C ASP A 22 13.78 -16.18 0.10
N VAL A 23 14.89 -15.59 0.55
CA VAL A 23 15.53 -15.98 1.79
C VAL A 23 14.57 -15.78 2.97
N SER A 24 13.90 -14.62 3.02
CA SER A 24 12.99 -14.35 4.11
C SER A 24 11.93 -15.44 4.20
N ARG A 25 11.31 -15.76 3.07
CA ARG A 25 10.21 -16.71 3.03
C ARG A 25 10.70 -18.11 3.42
N ALA A 26 11.85 -18.47 2.89
CA ALA A 26 12.47 -19.76 3.21
C ALA A 26 12.71 -19.87 4.74
N LEU A 27 13.27 -18.82 5.35
CA LEU A 27 13.48 -18.80 6.81
C LEU A 27 12.18 -18.93 7.60
N ARG A 28 11.17 -18.19 7.18
CA ARG A 28 9.88 -18.22 7.86
C ARG A 28 9.26 -19.62 7.86
N LEU A 29 9.47 -20.35 6.77
CA LEU A 29 8.95 -21.71 6.66
C LEU A 29 9.72 -22.71 7.53
N THR A 30 10.92 -22.35 7.95
CA THR A 30 11.70 -23.23 8.81
C THR A 30 11.45 -22.91 10.27
N GLY A 31 10.47 -22.05 10.54
CA GLY A 31 10.15 -21.63 11.92
C GLY A 31 10.80 -20.36 12.46
N ARG A 32 11.71 -19.76 11.71
CA ARG A 32 12.37 -18.54 12.18
C ARG A 32 11.38 -17.40 12.04
N ARG A 33 11.39 -16.49 12.99
CA ARG A 33 10.58 -15.29 12.86
C ARG A 33 11.42 -14.13 12.32
N VAL A 34 10.88 -13.45 11.32
CA VAL A 34 11.68 -12.44 10.61
C VAL A 34 11.41 -11.07 11.19
N MET A 35 12.47 -10.38 11.58
CA MET A 35 12.38 -9.04 12.21
C MET A 35 12.96 -8.07 11.21
N LEU A 36 12.29 -6.96 10.97
CA LEU A 36 12.80 -5.94 10.05
C LEU A 36 13.12 -4.65 10.78
N VAL A 37 14.34 -4.14 10.59
CA VAL A 37 14.70 -2.81 11.08
C VAL A 37 15.01 -1.95 9.82
N PRO A 38 14.05 -1.12 9.40
CA PRO A 38 14.29 -0.27 8.21
C PRO A 38 15.02 0.98 8.58
N THR A 39 16.09 1.26 7.86
CA THR A 39 16.93 2.41 8.15
C THR A 39 17.33 3.11 6.84
N MET A 40 17.82 4.35 6.95
CA MET A 40 18.39 5.06 5.79
C MET A 40 19.92 5.10 5.94
N GLY A 41 20.43 4.11 6.68
CA GLY A 41 21.87 3.99 6.95
C GLY A 41 22.39 5.09 7.89
N ALA A 42 23.71 5.33 7.85
CA ALA A 42 24.36 6.28 8.77
C ALA A 42 24.02 5.86 10.22
N LEU A 43 24.32 4.60 10.53
CA LEU A 43 23.79 3.97 11.74
C LEU A 43 24.47 4.48 13.01
N HIS A 44 23.65 4.75 14.01
CA HIS A 44 24.14 5.13 15.32
C HIS A 44 23.57 4.18 16.39
N GLU A 45 23.94 4.43 17.64
CA GLU A 45 23.50 3.59 18.75
C GLU A 45 21.99 3.39 18.83
N GLY A 46 21.26 4.39 18.34
CA GLY A 46 19.79 4.33 18.33
C GLY A 46 19.29 3.20 17.42
N HIS A 47 19.84 3.13 16.22
CA HIS A 47 19.60 1.98 15.35
C HIS A 47 20.03 0.66 16.01
N LEU A 48 21.17 0.64 16.71
CA LEU A 48 21.63 -0.60 17.33
C LEU A 48 20.69 -1.10 18.43
N ALA A 49 20.03 -0.16 19.09
CA ALA A 49 18.97 -0.47 20.07
C ALA A 49 17.77 -1.14 19.39
N LEU A 50 17.45 -0.70 18.17
CA LEU A 50 16.37 -1.36 17.38
C LEU A 50 16.79 -2.80 17.07
N VAL A 51 18.01 -2.95 16.57
CA VAL A 51 18.60 -4.27 16.27
C VAL A 51 18.55 -5.18 17.49
N ARG A 52 18.98 -4.65 18.64
CA ARG A 52 18.98 -5.45 19.87
C ARG A 52 17.59 -5.90 20.30
N ALA A 53 16.60 -5.04 20.14
CA ALA A 53 15.21 -5.35 20.46
C ALA A 53 14.75 -6.50 19.58
N ALA A 54 15.13 -6.45 18.31
CA ALA A 54 14.79 -7.46 17.33
C ALA A 54 15.50 -8.77 17.63
N LYS A 55 16.80 -8.68 17.94
CA LYS A 55 17.65 -9.85 18.27
C LYS A 55 17.05 -10.64 19.42
N ARG A 56 16.40 -9.95 20.34
CA ARG A 56 15.91 -10.60 21.56
C ARG A 56 14.58 -11.37 21.42
N VAL A 57 13.90 -11.20 20.29
CA VAL A 57 12.70 -12.02 20.01
C VAL A 57 13.16 -13.45 19.71
N PRO A 58 12.62 -14.44 20.46
CA PRO A 58 13.16 -15.80 20.35
C PRO A 58 13.06 -16.40 18.93
N GLY A 59 14.15 -17.02 18.48
CA GLY A 59 14.19 -17.64 17.16
C GLY A 59 14.22 -16.64 16.01
N SER A 60 14.44 -15.37 16.32
CA SER A 60 14.42 -14.34 15.28
C SER A 60 15.60 -14.43 14.31
N VAL A 61 15.33 -14.00 13.07
CA VAL A 61 16.39 -13.64 12.13
C VAL A 61 16.19 -12.14 11.86
N VAL A 62 17.26 -11.36 11.92
CA VAL A 62 17.10 -9.92 11.82
C VAL A 62 17.53 -9.48 10.43
N VAL A 63 16.62 -8.77 9.76
CA VAL A 63 16.89 -8.13 8.50
C VAL A 63 17.02 -6.63 8.75
N VAL A 64 18.15 -6.02 8.41
CA VAL A 64 18.28 -4.57 8.52
C VAL A 64 18.28 -4.03 7.10
N SER A 65 17.33 -3.16 6.75
CA SER A 65 17.35 -2.54 5.42
C SER A 65 18.07 -1.20 5.48
N ILE A 66 18.88 -0.96 4.47
CA ILE A 66 19.55 0.34 4.32
C ILE A 66 19.22 0.88 2.93
N PHE A 67 18.44 1.96 2.88
CA PHE A 67 18.01 2.54 1.62
C PHE A 67 17.70 4.00 1.84
N VAL A 68 18.41 4.86 1.14
CA VAL A 68 18.16 6.30 1.29
C VAL A 68 17.09 6.59 0.26
N ASN A 69 15.87 6.82 0.73
CA ASN A 69 14.71 6.76 -0.16
C ASN A 69 14.48 8.10 -0.82
N PRO A 70 14.77 8.22 -2.12
CA PRO A 70 14.64 9.56 -2.76
C PRO A 70 13.23 10.16 -2.68
N MET A 71 12.22 9.32 -2.47
CA MET A 71 10.84 9.76 -2.55
C MET A 71 10.36 10.59 -1.33
N GLN A 72 11.13 10.55 -0.24
CA GLN A 72 10.77 11.31 0.96
C GLN A 72 11.57 12.61 1.12
N PHE A 73 12.37 12.95 0.11
CA PHE A 73 13.11 14.21 0.11
C PHE A 73 12.45 15.21 -0.82
N GLY A 74 12.44 16.48 -0.43
CA GLY A 74 11.87 17.57 -1.24
C GLY A 74 12.57 17.66 -2.58
N ALA A 75 13.64 18.46 -2.68
CA ALA A 75 13.96 19.59 -1.81
C ALA A 75 14.96 20.41 -2.61
N GLY A 76 15.84 19.69 -3.30
CA GLY A 76 17.05 20.29 -3.85
C GLY A 76 18.10 20.13 -2.77
N GLY A 77 19.03 19.19 -2.97
CA GLY A 77 20.21 19.14 -2.11
C GLY A 77 20.12 18.29 -0.86
N ASP A 78 18.93 18.22 -0.25
CA ASP A 78 18.69 17.36 0.92
C ASP A 78 19.05 15.89 0.65
N LEU A 79 18.57 15.38 -0.49
CA LEU A 79 18.90 14.02 -0.93
C LEU A 79 20.43 13.85 -1.05
N ASP A 80 21.06 14.73 -1.85
CA ASP A 80 22.52 14.70 -2.01
C ASP A 80 23.32 14.85 -0.71
N ALA A 81 22.77 15.64 0.23
CA ALA A 81 23.45 15.96 1.49
C ALA A 81 23.29 14.88 2.56
N TYR A 82 22.34 13.96 2.36
CA TYR A 82 22.11 12.95 3.39
C TYR A 82 23.38 12.13 3.71
N PRO A 83 23.70 11.92 5.02
CA PRO A 83 24.98 11.21 5.32
C PRO A 83 24.99 9.77 4.82
N ARG A 84 26.07 9.39 4.16
CA ARG A 84 26.18 8.03 3.65
C ARG A 84 27.49 7.48 4.16
N THR A 85 27.39 6.45 5.01
CA THR A 85 28.59 5.83 5.62
C THR A 85 28.44 4.31 5.63
N PRO A 86 28.32 3.69 4.43
CA PRO A 86 28.10 2.28 4.15
C PRO A 86 29.08 1.34 4.87
N ASP A 87 30.35 1.71 4.91
CA ASP A 87 31.38 0.84 5.47
C ASP A 87 31.19 0.67 6.97
N ASP A 88 31.05 1.80 7.68
CA ASP A 88 30.71 1.77 9.11
C ASP A 88 29.40 1.00 9.34
N ASP A 89 28.36 1.28 8.53
CA ASP A 89 27.06 0.61 8.74
C ASP A 89 27.17 -0.92 8.83
N LEU A 90 27.72 -1.52 7.80
CA LEU A 90 27.86 -2.98 7.73
C LEU A 90 28.74 -3.57 8.83
N ALA A 91 29.80 -2.84 9.19
CA ALA A 91 30.68 -3.16 10.33
C ALA A 91 29.88 -3.24 11.61
N GLN A 92 29.05 -2.24 11.86
CA GLN A 92 28.19 -2.26 13.04
C GLN A 92 27.24 -3.45 13.03
N LEU A 93 26.68 -3.79 11.86
CA LEU A 93 25.73 -4.91 11.78
C LEU A 93 26.44 -6.23 12.07
N ARG A 94 27.63 -6.39 11.49
CA ARG A 94 28.49 -7.55 11.78
C ARG A 94 28.75 -7.61 13.30
N ALA A 95 29.17 -6.50 13.89
CA ALA A 95 29.44 -6.46 15.35
C ALA A 95 28.23 -6.96 16.14
N GLU A 96 27.04 -6.52 15.74
CA GLU A 96 25.80 -6.85 16.45
C GLU A 96 25.23 -8.23 16.14
N GLY A 97 25.85 -8.98 15.23
CA GLY A 97 25.42 -10.34 14.91
C GLY A 97 24.20 -10.41 13.98
N VAL A 98 23.92 -9.33 13.26
CA VAL A 98 22.81 -9.30 12.28
C VAL A 98 23.11 -10.27 11.15
N GLU A 99 22.14 -11.07 10.77
CA GLU A 99 22.36 -12.03 9.68
C GLU A 99 21.99 -11.57 8.26
N ILE A 100 21.15 -10.54 8.14
CA ILE A 100 20.75 -10.03 6.82
C ILE A 100 20.77 -8.49 6.75
N ALA A 101 21.51 -7.98 5.78
CA ALA A 101 21.36 -6.59 5.37
C ALA A 101 20.75 -6.59 3.96
N PHE A 102 19.79 -5.71 3.77
CA PHE A 102 19.12 -5.58 2.49
C PHE A 102 19.44 -4.17 1.97
N THR A 103 20.20 -4.09 0.89
CA THR A 103 20.72 -2.81 0.44
C THR A 103 20.31 -2.63 -1.02
N PRO A 104 19.01 -2.38 -1.28
CA PRO A 104 18.59 -2.30 -2.67
C PRO A 104 19.06 -1.02 -3.37
N THR A 105 19.18 -1.11 -4.69
CA THR A 105 19.41 0.06 -5.54
C THR A 105 18.09 0.87 -5.73
N THR A 106 18.24 2.14 -6.07
CA THR A 106 17.09 2.96 -6.45
C THR A 106 16.33 2.37 -7.64
N ALA A 107 17.08 1.90 -8.65
CA ALA A 107 16.46 1.22 -9.83
C ALA A 107 15.60 0.02 -9.43
N ALA A 108 16.08 -0.78 -8.48
CA ALA A 108 15.31 -1.98 -8.08
C ALA A 108 14.05 -1.63 -7.34
N MET A 109 14.09 -0.53 -6.58
CA MET A 109 12.94 -0.11 -5.78
C MET A 109 11.93 0.66 -6.62
N TYR A 110 12.43 1.46 -7.55
CA TYR A 110 11.56 2.34 -8.34
C TYR A 110 11.79 2.14 -9.86
N PRO A 111 11.69 0.90 -10.38
CA PRO A 111 12.00 0.69 -11.81
C PRO A 111 11.05 1.47 -12.72
N ASP A 112 9.89 1.85 -12.20
CA ASP A 112 8.91 2.59 -13.02
C ASP A 112 8.75 4.05 -12.58
N GLY A 113 9.72 4.53 -11.81
CA GLY A 113 9.63 5.83 -11.18
C GLY A 113 8.50 5.88 -10.16
N LEU A 114 7.96 7.07 -9.95
CA LEU A 114 6.81 7.22 -9.06
C LEU A 114 5.53 6.95 -9.80
N ARG A 115 4.80 5.96 -9.35
CA ARG A 115 3.55 5.59 -10.03
C ARG A 115 2.48 5.39 -8.95
N THR A 116 2.20 4.16 -8.53
CA THR A 116 1.19 3.98 -7.43
C THR A 116 1.88 4.41 -6.14
N THR A 117 1.20 5.18 -5.29
CA THR A 117 1.83 5.56 -4.03
C THR A 117 0.82 5.46 -2.90
N VAL A 118 1.34 5.50 -1.68
CA VAL A 118 0.51 5.63 -0.50
C VAL A 118 0.17 7.09 -0.23
N GLN A 119 -1.11 7.34 -0.02
CA GLN A 119 -1.60 8.66 0.37
C GLN A 119 -1.94 8.60 1.88
N PRO A 120 -1.08 9.19 2.74
CA PRO A 120 -1.38 9.11 4.16
C PRO A 120 -2.65 9.87 4.50
N GLY A 121 -3.18 9.59 5.69
CA GLY A 121 -4.26 10.40 6.24
C GLY A 121 -3.85 11.83 6.61
N PRO A 122 -4.82 12.59 7.19
CA PRO A 122 -4.55 14.01 7.45
C PRO A 122 -3.39 14.29 8.39
N LEU A 123 -3.00 13.32 9.23
CA LEU A 123 -1.83 13.52 10.08
C LEU A 123 -0.60 13.94 9.30
N ALA A 124 -0.46 13.48 8.04
CA ALA A 124 0.76 13.78 7.26
C ALA A 124 0.89 15.25 6.86
N ALA A 125 -0.19 16.02 7.03
CA ALA A 125 -0.20 17.46 6.65
C ALA A 125 0.13 18.35 7.84
N GLU A 126 0.39 17.74 8.99
CA GLU A 126 0.66 18.51 10.20
C GLU A 126 2.07 18.35 10.69
N LEU A 127 2.48 19.25 11.61
CA LEU A 127 3.80 19.13 12.23
C LEU A 127 4.88 19.05 11.16
N GLU A 128 5.62 17.93 11.10
CA GLU A 128 6.72 17.82 10.11
C GLU A 128 6.23 17.92 8.67
N GLY A 129 4.97 17.56 8.44
CA GLY A 129 4.44 17.51 7.09
C GLY A 129 3.83 18.81 6.61
N GLY A 130 3.67 19.77 7.53
CA GLY A 130 3.07 21.09 7.19
C GLY A 130 3.72 21.74 5.97
N PRO A 131 5.05 21.97 6.04
CA PRO A 131 5.89 22.55 4.99
C PRO A 131 6.46 21.55 3.97
N ARG A 132 6.17 20.26 4.18
CA ARG A 132 6.75 19.19 3.35
CA ARG A 132 6.76 19.19 3.35
C ARG A 132 5.62 18.24 2.96
N PRO A 133 4.73 18.70 2.05
CA PRO A 133 3.46 17.98 1.80
C PRO A 133 3.50 16.54 1.29
N THR A 134 4.59 16.14 0.64
CA THR A 134 4.66 14.77 0.10
C THR A 134 5.64 13.89 0.91
N HIS A 135 6.26 14.48 1.92
CA HIS A 135 7.31 13.80 2.67
C HIS A 135 6.83 12.45 3.20
N PHE A 136 5.74 12.45 3.96
CA PHE A 136 5.25 11.20 4.54
C PHE A 136 4.61 10.22 3.55
N ALA A 137 4.02 10.73 2.46
CA ALA A 137 3.63 9.82 1.36
C ALA A 137 4.89 9.04 0.88
N GLY A 138 6.03 9.73 0.78
CA GLY A 138 7.30 9.08 0.38
C GLY A 138 7.74 8.02 1.39
N VAL A 139 7.62 8.35 2.68
CA VAL A 139 8.01 7.43 3.76
C VAL A 139 7.10 6.17 3.75
N LEU A 140 5.79 6.38 3.77
CA LEU A 140 4.84 5.28 3.80
C LEU A 140 4.94 4.40 2.56
N THR A 141 5.21 5.03 1.41
CA THR A 141 5.36 4.20 0.19
C THR A 141 6.57 3.26 0.32
N VAL A 142 7.70 3.79 0.76
CA VAL A 142 8.85 2.92 0.90
C VAL A 142 8.67 1.86 1.99
N VAL A 143 8.12 2.25 3.13
CA VAL A 143 7.91 1.31 4.19
C VAL A 143 6.93 0.19 3.74
N LEU A 144 5.88 0.54 2.98
CA LEU A 144 4.96 -0.49 2.48
C LEU A 144 5.73 -1.49 1.62
N LYS A 145 6.56 -0.96 0.73
CA LYS A 145 7.33 -1.81 -0.17
C LYS A 145 8.29 -2.72 0.59
N LEU A 146 9.07 -2.17 1.51
CA LEU A 146 9.99 -2.98 2.34
C LEU A 146 9.24 -4.10 3.10
N LEU A 147 8.08 -3.77 3.62
CA LEU A 147 7.23 -4.73 4.35
C LEU A 147 6.76 -5.84 3.43
N GLN A 148 6.34 -5.47 2.22
CA GLN A 148 5.90 -6.46 1.22
C GLN A 148 7.04 -7.32 0.72
N ILE A 149 8.22 -6.74 0.59
CA ILE A 149 9.37 -7.48 0.11
C ILE A 149 9.85 -8.49 1.17
N VAL A 150 9.98 -8.01 2.41
CA VAL A 150 10.63 -8.79 3.48
C VAL A 150 9.61 -9.67 4.20
N ARG A 151 8.36 -9.21 4.22
CA ARG A 151 7.28 -9.88 4.97
C ARG A 151 7.69 -10.29 6.40
N PRO A 152 8.15 -9.31 7.21
CA PRO A 152 8.59 -9.59 8.60
C PRO A 152 7.41 -9.85 9.49
N ASP A 153 7.64 -10.60 10.56
CA ASP A 153 6.67 -10.73 11.65
C ASP A 153 6.52 -9.45 12.49
N ARG A 154 7.62 -8.75 12.69
CA ARG A 154 7.64 -7.51 13.44
C ARG A 154 8.55 -6.54 12.74
N VAL A 155 8.20 -5.27 12.83
CA VAL A 155 9.06 -4.21 12.31
C VAL A 155 9.33 -3.17 13.40
N PHE A 156 10.57 -2.68 13.42
CA PHE A 156 11.04 -1.88 14.56
C PHE A 156 11.36 -0.45 14.14
N PHE A 157 10.83 0.51 14.89
CA PHE A 157 11.09 1.92 14.67
C PHE A 157 11.38 2.63 15.98
N GLY A 158 12.21 3.66 15.91
CA GLY A 158 12.48 4.48 17.10
C GLY A 158 11.35 5.44 17.36
N GLU A 159 11.15 5.79 18.63
CA GLU A 159 10.20 6.82 19.01
C GLU A 159 10.62 8.26 18.70
N LYS A 160 11.89 8.48 18.33
CA LYS A 160 12.39 9.81 18.08
C LYS A 160 11.55 10.52 16.99
N ASP A 161 11.36 9.83 15.88
CA ASP A 161 10.48 10.31 14.83
C ASP A 161 9.10 9.78 15.12
N TYR A 162 8.47 10.42 16.12
CA TYR A 162 7.21 9.91 16.66
C TYR A 162 6.06 10.01 15.69
N GLN A 163 5.95 11.16 15.04
CA GLN A 163 4.93 11.32 13.97
C GLN A 163 5.05 10.27 12.88
N GLN A 164 6.27 10.05 12.41
CA GLN A 164 6.48 8.95 11.46
C GLN A 164 5.99 7.59 12.01
N LEU A 165 6.25 7.32 13.30
CA LEU A 165 5.87 6.05 13.90
C LEU A 165 4.38 5.89 13.91
N VAL A 166 3.68 6.96 14.30
CA VAL A 166 2.23 6.94 14.32
C VAL A 166 1.64 6.68 12.92
N LEU A 167 2.19 7.37 11.93
CA LEU A 167 1.74 7.21 10.56
C LEU A 167 1.96 5.79 10.10
N ILE A 168 3.07 5.20 10.52
CA ILE A 168 3.34 3.83 10.14
C ILE A 168 2.34 2.87 10.78
N ARG A 169 1.97 3.14 12.04
CA ARG A 169 0.94 2.34 12.67
C ARG A 169 -0.36 2.52 11.90
N GLN A 170 -0.62 3.73 11.42
CA GLN A 170 -1.82 3.93 10.59
C GLN A 170 -1.78 3.11 9.30
N LEU A 171 -0.65 3.12 8.61
CA LEU A 171 -0.46 2.36 7.38
C LEU A 171 -0.79 0.88 7.61
N VAL A 172 -0.25 0.36 8.70
CA VAL A 172 -0.39 -1.05 9.04
C VAL A 172 -1.82 -1.43 9.38
N ALA A 173 -2.48 -0.60 10.17
CA ALA A 173 -3.92 -0.82 10.45
C ALA A 173 -4.79 -0.63 9.21
N ASP A 174 -4.54 0.45 8.48
CA ASP A 174 -5.46 0.84 7.40
C ASP A 174 -5.34 -0.09 6.17
N PHE A 175 -4.15 -0.68 5.99
CA PHE A 175 -3.98 -1.63 4.89
C PHE A 175 -4.02 -3.08 5.36
N ASN A 176 -4.47 -3.32 6.60
CA ASN A 176 -4.56 -4.68 7.15
C ASN A 176 -3.24 -5.47 7.04
N LEU A 177 -2.10 -4.79 7.22
CA LEU A 177 -0.84 -5.51 7.10
C LEU A 177 -0.64 -6.48 8.25
N ASP A 178 -0.12 -7.64 7.93
CA ASP A 178 0.04 -8.68 8.94
C ASP A 178 1.45 -8.56 9.53
N VAL A 179 1.71 -7.48 10.27
CA VAL A 179 3.02 -7.24 10.91
C VAL A 179 2.75 -6.51 12.20
N ALA A 180 3.56 -6.77 13.22
CA ALA A 180 3.45 -5.99 14.45
C ALA A 180 4.46 -4.86 14.42
N VAL A 181 3.99 -3.67 14.75
CA VAL A 181 4.89 -2.48 14.79
C VAL A 181 5.37 -2.28 16.23
N VAL A 182 6.68 -2.26 16.42
CA VAL A 182 7.28 -2.16 17.75
C VAL A 182 7.99 -0.81 17.82
N GLY A 183 7.55 0.09 18.70
CA GLY A 183 8.25 1.37 18.90
C GLY A 183 9.30 1.23 19.99
N VAL A 184 10.48 1.79 19.78
CA VAL A 184 11.61 1.59 20.68
C VAL A 184 12.01 2.96 21.25
N PRO A 185 12.08 3.10 22.59
CA PRO A 185 12.38 4.42 23.19
C PRO A 185 13.68 5.01 22.70
N THR A 186 13.65 6.32 22.53
CA THR A 186 14.78 7.05 21.98
C THR A 186 16.05 6.83 22.83
N VAL A 187 17.13 6.45 22.15
CA VAL A 187 18.46 6.39 22.80
C VAL A 187 18.99 7.81 22.84
N ARG A 188 19.61 8.19 23.97
CA ARG A 188 20.10 9.56 24.11
C ARG A 188 21.58 9.61 24.45
N GLU A 189 22.25 10.68 24.08
CA GLU A 189 23.58 10.94 24.62
C GLU A 189 23.51 11.16 26.14
N ALA A 190 24.67 11.16 26.79
CA ALA A 190 24.71 11.22 28.25
C ALA A 190 24.07 12.49 28.84
N ASP A 191 24.10 13.58 28.07
CA ASP A 191 23.46 14.80 28.51
C ASP A 191 21.96 14.83 28.19
N GLY A 192 21.51 13.84 27.42
CA GLY A 192 20.06 13.72 27.09
C GLY A 192 19.74 14.01 25.62
N LEU A 193 20.70 14.48 24.84
CA LEU A 193 20.51 14.73 23.41
C LEU A 193 20.04 13.49 22.68
N ALA A 194 18.87 13.55 22.04
CA ALA A 194 18.38 12.43 21.24
C ALA A 194 19.39 12.00 20.16
N MET A 195 19.66 10.70 20.03
CA MET A 195 20.54 10.22 18.96
C MET A 195 19.98 10.65 17.60
N SER A 196 20.85 11.06 16.68
CA SER A 196 20.37 11.41 15.35
C SER A 196 21.51 11.47 14.39
N SER A 197 21.27 11.04 13.15
N SER A 197 21.26 11.03 13.16
CA SER A 197 22.24 11.22 12.07
CA SER A 197 22.24 11.18 12.07
C SER A 197 22.62 12.69 11.91
C SER A 197 22.42 12.64 11.63
N ARG A 198 21.70 13.58 12.26
CA ARG A 198 21.90 15.01 12.01
CA ARG A 198 21.91 15.01 12.00
C ARG A 198 22.78 15.69 13.07
N ASN A 199 23.00 14.99 14.19
CA ASN A 199 23.83 15.52 15.27
C ASN A 199 25.24 15.86 14.80
N ARG A 200 25.72 15.14 13.79
CA ARG A 200 27.06 15.38 13.20
C ARG A 200 27.20 16.80 12.64
N TYR A 201 26.08 17.45 12.32
CA TYR A 201 26.06 18.81 11.76
C TYR A 201 26.08 19.96 12.75
N LEU A 202 26.09 19.63 14.04
CA LEU A 202 26.24 20.63 15.11
C LEU A 202 27.70 20.92 15.38
N ASP A 203 28.09 22.20 15.33
CA ASP A 203 29.45 22.55 15.80
C ASP A 203 29.47 22.53 17.33
N PRO A 204 30.65 22.66 17.96
CA PRO A 204 30.72 22.58 19.40
C PRO A 204 29.72 23.48 20.14
N ALA A 205 29.53 24.70 19.67
CA ALA A 205 28.60 25.65 20.32
C ALA A 205 27.16 25.18 20.17
N GLN A 206 26.80 24.75 18.96
CA GLN A 206 25.46 24.23 18.69
C GLN A 206 25.24 22.93 19.47
N ARG A 207 26.25 22.07 19.51
CA ARG A 207 26.17 20.81 20.29
C ARG A 207 25.84 21.12 21.76
N ALA A 208 26.56 22.09 22.33
CA ALA A 208 26.25 22.61 23.68
C ALA A 208 24.79 23.08 23.84
N ALA A 209 24.33 23.95 22.94
CA ALA A 209 22.99 24.52 23.03
C ALA A 209 21.88 23.48 22.84
N ALA A 210 22.19 22.44 22.07
CA ALA A 210 21.22 21.41 21.65
C ALA A 210 20.65 20.59 22.81
N VAL A 211 21.37 20.56 23.93
CA VAL A 211 20.86 19.91 25.15
C VAL A 211 19.52 20.53 25.57
N ALA A 212 19.25 21.76 25.13
CA ALA A 212 18.04 22.45 25.54
C ALA A 212 16.76 21.71 25.12
N LEU A 213 16.79 20.98 24.00
CA LEU A 213 15.56 20.28 23.57
C LEU A 213 15.13 19.28 24.61
N SER A 214 16.04 18.37 24.96
CA SER A 214 15.73 17.32 25.92
C SER A 214 15.50 17.89 27.32
N ALA A 215 16.28 18.90 27.70
CA ALA A 215 16.08 19.59 28.98
C ALA A 215 14.67 20.16 29.08
N ALA A 216 14.24 20.80 28.00
CA ALA A 216 12.92 21.44 27.96
C ALA A 216 11.81 20.38 28.12
N LEU A 217 11.93 19.28 27.38
CA LEU A 217 10.94 18.17 27.41
C LEU A 217 10.86 17.52 28.80
N THR A 218 11.99 17.25 29.42
CA THR A 218 11.98 16.57 30.71
C THR A 218 11.52 17.54 31.80
N ALA A 219 11.93 18.80 31.71
CA ALA A 219 11.36 19.83 32.60
C ALA A 219 9.82 19.85 32.47
N ALA A 220 9.31 19.87 31.23
CA ALA A 220 7.86 19.89 31.03
C ALA A 220 7.23 18.63 31.65
N ALA A 221 7.87 17.47 31.49
CA ALA A 221 7.21 16.23 31.94
C ALA A 221 7.01 16.23 33.47
N HIS A 222 7.89 16.95 34.18
CA HIS A 222 7.83 17.05 35.64
C HIS A 222 7.01 18.25 36.07
N ALA A 223 7.04 19.33 35.31
CA ALA A 223 6.14 20.48 35.54
C ALA A 223 4.66 20.09 35.41
N ALA A 224 4.40 19.03 34.68
CA ALA A 224 3.04 18.61 34.24
C ALA A 224 2.08 18.24 35.38
N THR A 225 2.59 18.01 36.59
CA THR A 225 1.71 17.82 37.77
C THR A 225 0.86 19.08 37.97
N ALA A 226 1.38 20.22 37.48
CA ALA A 226 0.75 21.52 37.63
C ALA A 226 -0.14 21.88 36.40
N GLY A 227 -0.26 20.97 35.45
CA GLY A 227 -1.15 21.15 34.29
C GLY A 227 -0.41 21.44 32.99
N ALA A 228 -1.19 21.58 31.93
CA ALA A 228 -0.68 21.65 30.58
C ALA A 228 0.05 22.98 30.37
N GLN A 229 -0.56 24.04 30.87
CA GLN A 229 0.05 25.34 30.67
C GLN A 229 1.44 25.40 31.31
N ALA A 230 1.55 24.90 32.53
CA ALA A 230 2.82 24.86 33.25
C ALA A 230 3.87 24.04 32.52
N ALA A 231 3.46 22.89 31.98
CA ALA A 231 4.40 22.01 31.26
C ALA A 231 5.01 22.75 30.05
N LEU A 232 4.12 23.28 29.23
CA LEU A 232 4.46 23.99 28.01
C LEU A 232 5.30 25.25 28.32
N ASP A 233 4.92 25.96 29.37
CA ASP A 233 5.66 27.17 29.77
C ASP A 233 7.05 26.82 30.28
N ALA A 234 7.20 25.68 30.97
CA ALA A 234 8.52 25.26 31.48
C ALA A 234 9.44 24.94 30.26
N ALA A 235 8.90 24.18 29.32
CA ALA A 235 9.63 23.83 28.09
C ALA A 235 10.05 25.09 27.33
N ARG A 236 9.10 26.02 27.18
CA ARG A 236 9.36 27.27 26.44
C ARG A 236 10.48 28.10 27.09
N ALA A 237 10.45 28.17 28.43
CA ALA A 237 11.47 28.88 29.21
C ALA A 237 12.86 28.34 28.94
N VAL A 238 12.99 27.01 28.93
CA VAL A 238 14.27 26.38 28.73
C VAL A 238 14.77 26.59 27.31
N LEU A 239 13.92 26.36 26.33
CA LEU A 239 14.26 26.68 24.92
C LEU A 239 14.63 28.14 24.74
N ASP A 240 13.93 29.04 25.43
CA ASP A 240 14.21 30.48 25.34
C ASP A 240 15.52 30.92 25.98
N ALA A 241 15.98 30.16 26.97
CA ALA A 241 17.23 30.48 27.66
C ALA A 241 18.44 30.07 26.83
N ALA A 242 18.21 29.24 25.81
CA ALA A 242 19.30 28.57 25.09
C ALA A 242 19.83 29.42 23.95
N PRO A 243 21.17 29.54 23.83
CA PRO A 243 21.71 30.42 22.79
C PRO A 243 21.51 29.80 21.44
N GLY A 244 20.94 30.55 20.50
CA GLY A 244 20.90 30.11 19.12
C GLY A 244 19.94 28.97 18.80
N VAL A 245 19.03 28.65 19.71
CA VAL A 245 17.95 27.74 19.39
C VAL A 245 16.73 28.50 18.82
N ALA A 246 16.42 28.28 17.55
CA ALA A 246 15.19 28.81 16.95
C ALA A 246 14.12 27.73 16.91
N VAL A 247 13.07 27.93 17.71
CA VAL A 247 12.00 26.93 17.78
C VAL A 247 11.08 27.00 16.56
N ASP A 248 10.79 25.85 15.94
N ASP A 248 10.86 25.84 15.94
CA ASP A 248 9.82 25.78 14.82
CA ASP A 248 9.92 25.66 14.85
C ASP A 248 8.40 25.44 15.31
C ASP A 248 8.53 25.56 15.49
N TYR A 249 8.29 24.45 16.19
CA TYR A 249 7.05 24.21 16.93
C TYR A 249 7.35 23.55 18.29
N LEU A 250 6.46 23.78 19.24
CA LEU A 250 6.48 23.06 20.49
C LEU A 250 5.04 22.76 20.75
N GLU A 251 4.66 21.49 20.70
CA GLU A 251 3.24 21.15 20.72
C GLU A 251 2.95 19.94 21.55
N LEU A 252 1.86 20.04 22.30
CA LEU A 252 1.41 19.00 23.16
C LEU A 252 0.12 18.39 22.60
N ARG A 253 0.17 17.09 22.35
CA ARG A 253 -0.92 16.42 21.67
C ARG A 253 -1.28 15.14 22.38
N ASP A 254 -2.43 14.60 22.02
CA ASP A 254 -2.76 13.25 22.40
C ASP A 254 -1.71 12.24 21.87
N ILE A 255 -1.59 11.06 22.48
CA ILE A 255 -0.58 10.09 22.07
C ILE A 255 -0.64 9.65 20.62
N GLY A 256 -1.86 9.56 20.06
CA GLY A 256 -2.04 9.18 18.66
C GLY A 256 -1.86 10.37 17.74
N LEU A 257 -1.57 11.54 18.31
CA LEU A 257 -1.44 12.80 17.56
C LEU A 257 -2.71 13.13 16.76
N GLY A 258 -3.80 12.42 17.01
CA GLY A 258 -4.99 12.40 16.11
C GLY A 258 -6.01 13.50 16.39
N PRO A 259 -7.17 13.45 15.71
CA PRO A 259 -8.23 14.47 15.90
C PRO A 259 -8.99 14.27 17.22
N MET A 260 -8.25 14.34 18.32
CA MET A 260 -8.85 14.25 19.64
C MET A 260 -8.10 15.16 20.59
N PRO A 261 -8.81 15.71 21.61
CA PRO A 261 -8.12 16.52 22.60
C PRO A 261 -7.25 15.65 23.49
N LEU A 262 -6.24 16.26 24.07
CA LEU A 262 -5.42 15.61 25.07
C LEU A 262 -6.27 15.25 26.29
N ASN A 263 -6.08 14.02 26.78
CA ASN A 263 -6.65 13.60 28.08
C ASN A 263 -5.63 13.76 29.24
N GLY A 264 -5.32 12.65 29.89
CA GLY A 264 -4.29 12.64 30.92
C GLY A 264 -2.92 12.30 30.37
N SER A 265 -2.90 11.56 29.25
CA SER A 265 -1.67 11.06 28.64
C SER A 265 -1.46 11.67 27.26
N GLY A 266 -0.28 12.25 27.04
CA GLY A 266 0.01 13.03 25.85
C GLY A 266 1.43 12.81 25.38
N ARG A 267 1.76 13.48 24.29
CA ARG A 267 3.12 13.53 23.79
C ARG A 267 3.45 14.98 23.54
N LEU A 268 4.61 15.42 24.04
CA LEU A 268 5.07 16.76 23.79
C LEU A 268 6.16 16.66 22.74
N LEU A 269 5.99 17.43 21.67
CA LEU A 269 6.88 17.35 20.51
C LEU A 269 7.51 18.68 20.27
N VAL A 270 8.80 18.65 19.98
CA VAL A 270 9.52 19.87 19.63
C VAL A 270 10.33 19.69 18.35
N ALA A 271 10.38 20.74 17.56
CA ALA A 271 11.29 20.81 16.44
C ALA A 271 11.97 22.16 16.56
N ALA A 272 13.28 22.20 16.36
CA ALA A 272 14.01 23.46 16.51
C ALA A 272 15.20 23.50 15.55
N ARG A 273 15.63 24.72 15.17
CA ARG A 273 16.85 24.84 14.34
C ARG A 273 18.02 25.44 15.12
N LEU A 274 19.19 24.85 14.92
CA LEU A 274 20.44 25.38 15.42
C LEU A 274 21.33 25.61 14.21
N GLY A 275 21.52 26.89 13.84
CA GLY A 275 22.12 27.19 12.53
C GLY A 275 21.19 26.67 11.42
N THR A 276 21.71 25.81 10.56
CA THR A 276 20.87 25.18 9.53
C THR A 276 20.40 23.76 9.89
N THR A 277 20.77 23.29 11.08
CA THR A 277 20.46 21.93 11.47
C THR A 277 19.14 21.91 12.21
N ARG A 278 18.23 21.09 11.71
CA ARG A 278 16.91 21.02 12.32
C ARG A 278 16.88 19.77 13.21
N LEU A 279 16.55 19.97 14.48
CA LEU A 279 16.49 18.86 15.46
C LEU A 279 15.07 18.58 15.93
N LEU A 280 14.76 17.31 16.18
CA LEU A 280 13.44 16.90 16.68
C LEU A 280 13.60 16.20 18.01
N ASP A 281 12.62 16.32 18.90
CA ASP A 281 12.61 15.43 20.06
C ASP A 281 11.17 15.37 20.54
N ASN A 282 10.85 14.37 21.35
CA ASN A 282 9.50 14.27 21.92
C ASN A 282 9.52 13.44 23.20
N ILE A 283 8.50 13.59 24.02
CA ILE A 283 8.46 12.86 25.26
C ILE A 283 7.01 12.58 25.62
N ALA A 284 6.83 11.46 26.30
CA ALA A 284 5.58 11.16 27.00
C ALA A 284 5.33 12.20 28.11
N ILE A 285 4.09 12.68 28.18
CA ILE A 285 3.63 13.62 29.20
C ILE A 285 2.37 13.05 29.87
N GLU A 286 2.36 13.01 31.21
CA GLU A 286 1.15 12.70 31.98
C GLU A 286 0.73 13.98 32.70
N ILE A 287 -0.51 14.39 32.49
CA ILE A 287 -0.96 15.68 33.00
C ILE A 287 -1.68 15.48 34.34
N GLY A 288 -1.29 16.23 35.38
CA GLY A 288 -1.72 15.96 36.76
C GLY A 288 -1.15 14.63 37.23
N THR A 289 -0.45 13.97 36.30
CA THR A 289 0.18 12.60 36.34
C THR A 289 -0.56 11.25 36.46
N PHE A 290 -1.90 11.16 36.52
CA PHE A 290 -2.88 12.20 36.17
C PHE A 290 -4.18 12.11 36.98
N ALA B 2 -7.23 -20.14 18.96
CA ALA B 2 -7.90 -21.19 18.13
C ALA B 2 -8.36 -20.66 16.77
N ILE B 3 -8.20 -21.47 15.72
CA ILE B 3 -8.62 -21.08 14.37
C ILE B 3 -10.14 -21.12 14.28
N PRO B 4 -10.74 -20.13 13.59
CA PRO B 4 -12.19 -20.19 13.43
C PRO B 4 -12.56 -21.51 12.74
N ALA B 5 -13.76 -22.02 13.01
CA ALA B 5 -14.25 -23.25 12.38
C ALA B 5 -14.22 -23.13 10.85
N PHE B 6 -13.71 -24.17 10.21
CA PHE B 6 -13.71 -24.33 8.76
C PHE B 6 -14.08 -25.75 8.41
N HIS B 7 -15.15 -25.90 7.63
CA HIS B 7 -15.59 -27.21 7.18
C HIS B 7 -15.28 -27.38 5.70
N PRO B 8 -14.25 -28.17 5.39
CA PRO B 8 -13.84 -28.44 4.02
C PRO B 8 -14.98 -29.03 3.20
N GLY B 9 -15.04 -28.64 1.93
CA GLY B 9 -16.11 -29.04 1.02
C GLY B 9 -17.49 -28.48 1.34
N GLU B 10 -17.56 -27.53 2.27
CA GLU B 10 -18.79 -26.78 2.49
C GLU B 10 -18.55 -25.30 2.25
N LEU B 11 -19.62 -24.54 2.08
CA LEU B 11 -19.53 -23.10 2.00
C LEU B 11 -19.45 -22.50 3.40
N ASN B 12 -18.28 -21.96 3.71
CA ASN B 12 -18.00 -21.32 5.00
C ASN B 12 -18.05 -19.82 4.83
N VAL B 13 -18.86 -19.17 5.64
CA VAL B 13 -19.10 -17.75 5.46
C VAL B 13 -18.48 -17.00 6.65
N TYR B 14 -17.65 -16.00 6.36
CA TYR B 14 -17.02 -15.16 7.39
C TYR B 14 -17.18 -13.69 7.10
N SER B 15 -17.57 -12.96 8.13
CA SER B 15 -17.74 -11.51 8.00
C SER B 15 -16.63 -10.74 8.63
N ALA B 16 -15.91 -11.36 9.57
CA ALA B 16 -14.79 -10.70 10.27
C ALA B 16 -13.53 -10.90 9.46
N PRO B 17 -12.85 -9.80 9.08
CA PRO B 17 -11.57 -9.87 8.41
C PRO B 17 -10.57 -10.75 9.14
N GLY B 18 -10.56 -10.67 10.48
CA GLY B 18 -9.69 -11.50 11.28
C GLY B 18 -9.95 -12.97 11.09
N ASP B 19 -11.23 -13.34 10.98
CA ASP B 19 -11.59 -14.73 10.82
C ASP B 19 -11.10 -15.30 9.48
N VAL B 20 -11.40 -14.61 8.40
CA VAL B 20 -10.94 -15.08 7.10
C VAL B 20 -9.41 -15.12 7.00
N ALA B 21 -8.76 -14.14 7.63
CA ALA B 21 -7.29 -14.08 7.65
C ALA B 21 -6.72 -15.34 8.32
N ASP B 22 -7.27 -15.67 9.49
CA ASP B 22 -6.83 -16.88 10.27
C ASP B 22 -7.07 -18.16 9.50
N VAL B 23 -8.23 -18.27 8.86
CA VAL B 23 -8.60 -19.51 8.13
C VAL B 23 -7.74 -19.66 6.89
N SER B 24 -7.55 -18.56 6.16
CA SER B 24 -6.70 -18.57 4.99
C SER B 24 -5.26 -18.98 5.35
N ARG B 25 -4.72 -18.41 6.43
CA ARG B 25 -3.36 -18.78 6.89
C ARG B 25 -3.31 -20.26 7.28
N ALA B 26 -4.29 -20.71 8.08
CA ALA B 26 -4.43 -22.14 8.44
C ALA B 26 -4.46 -23.04 7.19
N LEU B 27 -5.24 -22.62 6.18
CA LEU B 27 -5.33 -23.37 4.94
C LEU B 27 -4.03 -23.43 4.14
N ARG B 28 -3.35 -22.29 4.02
CA ARG B 28 -2.08 -22.23 3.31
C ARG B 28 -1.04 -23.16 3.95
N LEU B 29 -1.00 -23.18 5.27
CA LEU B 29 -0.06 -24.03 6.02
C LEU B 29 -0.30 -25.53 5.80
N THR B 30 -1.54 -25.91 5.48
CA THR B 30 -1.86 -27.31 5.16
C THR B 30 -1.62 -27.68 3.69
N GLY B 31 -1.18 -26.74 2.88
CA GLY B 31 -0.87 -27.05 1.49
C GLY B 31 -1.78 -26.46 0.42
N ARG B 32 -2.99 -26.04 0.79
CA ARG B 32 -3.94 -25.45 -0.17
C ARG B 32 -3.41 -24.17 -0.78
N ARG B 33 -3.71 -23.93 -2.05
CA ARG B 33 -3.39 -22.69 -2.74
C ARG B 33 -4.64 -21.84 -2.67
N VAL B 34 -4.51 -20.64 -2.09
CA VAL B 34 -5.67 -19.79 -1.81
C VAL B 34 -5.92 -18.89 -3.02
N MET B 35 -7.13 -18.96 -3.58
CA MET B 35 -7.50 -18.17 -4.76
C MET B 35 -8.56 -17.17 -4.33
N LEU B 36 -8.40 -15.89 -4.74
CA LEU B 36 -9.34 -14.85 -4.38
C LEU B 36 -10.10 -14.31 -5.61
N VAL B 37 -11.42 -14.21 -5.49
CA VAL B 37 -12.28 -13.69 -6.54
C VAL B 37 -13.04 -12.55 -5.87
N PRO B 38 -12.59 -11.31 -6.02
CA PRO B 38 -13.31 -10.20 -5.39
C PRO B 38 -14.55 -9.75 -6.17
N THR B 39 -15.65 -9.53 -5.46
CA THR B 39 -16.93 -9.16 -6.12
C THR B 39 -17.69 -8.20 -5.25
N MET B 40 -18.71 -7.57 -5.83
CA MET B 40 -19.65 -6.78 -5.05
C MET B 40 -21.00 -7.46 -4.95
N GLY B 41 -21.00 -8.79 -5.11
CA GLY B 41 -22.25 -9.56 -5.02
C GLY B 41 -23.09 -9.41 -6.28
N ALA B 42 -24.38 -9.77 -6.17
CA ALA B 42 -25.28 -9.83 -7.32
C ALA B 42 -24.58 -10.60 -8.43
N LEU B 43 -24.24 -11.86 -8.14
CA LEU B 43 -23.35 -12.65 -8.98
C LEU B 43 -23.98 -13.11 -10.30
N HIS B 44 -23.22 -12.98 -11.38
CA HIS B 44 -23.66 -13.38 -12.71
C HIS B 44 -22.64 -14.31 -13.36
N GLU B 45 -22.86 -14.67 -14.63
CA GLU B 45 -22.04 -15.71 -15.26
C GLU B 45 -20.57 -15.31 -15.35
N GLY B 46 -20.34 -14.01 -15.48
CA GLY B 46 -18.98 -13.45 -15.43
C GLY B 46 -18.28 -13.88 -14.15
N HIS B 47 -18.93 -13.67 -13.02
CA HIS B 47 -18.37 -14.11 -11.73
C HIS B 47 -18.14 -15.62 -11.68
N LEU B 48 -19.10 -16.41 -12.17
CA LEU B 48 -18.93 -17.86 -12.18
C LEU B 48 -17.73 -18.30 -13.05
N ALA B 49 -17.50 -17.60 -14.16
CA ALA B 49 -16.29 -17.82 -14.94
C ALA B 49 -15.03 -17.54 -14.12
N LEU B 50 -15.05 -16.48 -13.29
CA LEU B 50 -13.89 -16.21 -12.39
C LEU B 50 -13.67 -17.37 -11.40
N VAL B 51 -14.77 -17.79 -10.80
CA VAL B 51 -14.79 -18.91 -9.87
C VAL B 51 -14.27 -20.18 -10.51
N ARG B 52 -14.76 -20.47 -11.72
CA ARG B 52 -14.36 -21.70 -12.40
C ARG B 52 -12.88 -21.70 -12.74
N ALA B 53 -12.35 -20.54 -13.15
CA ALA B 53 -10.91 -20.38 -13.40
C ALA B 53 -10.12 -20.63 -12.13
N ALA B 54 -10.56 -20.03 -11.02
CA ALA B 54 -9.95 -20.26 -9.71
C ALA B 54 -9.95 -21.75 -9.31
N LYS B 55 -11.08 -22.42 -9.48
CA LYS B 55 -11.20 -23.84 -9.11
C LYS B 55 -10.31 -24.79 -9.89
N ARG B 56 -9.85 -24.36 -11.06
CA ARG B 56 -9.04 -25.19 -11.95
C ARG B 56 -7.64 -25.45 -11.43
N VAL B 57 -7.18 -24.59 -10.52
CA VAL B 57 -5.83 -24.66 -10.00
C VAL B 57 -5.76 -25.85 -9.03
N PRO B 58 -4.86 -26.83 -9.27
CA PRO B 58 -4.80 -28.00 -8.37
C PRO B 58 -4.58 -27.57 -6.92
N GLY B 59 -5.37 -28.15 -6.04
CA GLY B 59 -5.24 -27.88 -4.62
C GLY B 59 -5.81 -26.54 -4.16
N SER B 60 -6.64 -25.92 -5.01
CA SER B 60 -7.23 -24.61 -4.72
CA SER B 60 -7.23 -24.61 -4.71
C SER B 60 -8.23 -24.67 -3.58
N VAL B 61 -8.25 -23.61 -2.78
CA VAL B 61 -9.44 -23.27 -1.98
C VAL B 61 -9.84 -21.91 -2.54
N VAL B 62 -11.12 -21.73 -2.80
CA VAL B 62 -11.61 -20.51 -3.42
C VAL B 62 -12.28 -19.63 -2.39
N VAL B 63 -11.80 -18.38 -2.34
CA VAL B 63 -12.36 -17.32 -1.51
C VAL B 63 -13.03 -16.30 -2.43
N VAL B 64 -14.33 -16.12 -2.24
CA VAL B 64 -15.09 -15.11 -2.96
C VAL B 64 -15.44 -14.05 -1.94
N SER B 65 -14.95 -12.83 -2.15
CA SER B 65 -15.36 -11.75 -1.27
C SER B 65 -16.55 -11.06 -1.91
N ILE B 66 -17.47 -10.63 -1.04
CA ILE B 66 -18.63 -9.85 -1.45
C ILE B 66 -18.61 -8.62 -0.57
N PHE B 67 -18.33 -7.49 -1.17
CA PHE B 67 -18.25 -6.24 -0.44
C PHE B 67 -18.50 -5.07 -1.36
N VAL B 68 -19.47 -4.25 -1.00
CA VAL B 68 -19.78 -3.04 -1.76
C VAL B 68 -18.98 -1.89 -1.20
N ASN B 69 -17.95 -1.49 -1.94
CA ASN B 69 -17.03 -0.47 -1.47
C ASN B 69 -17.65 0.91 -1.60
N PRO B 70 -17.78 1.64 -0.47
CA PRO B 70 -18.30 3.01 -0.56
C PRO B 70 -17.35 3.93 -1.34
N MET B 71 -16.04 3.73 -1.17
CA MET B 71 -15.01 4.63 -1.72
C MET B 71 -14.94 4.65 -3.26
N GLN B 72 -15.39 3.57 -3.89
CA GLN B 72 -15.51 3.49 -5.36
C GLN B 72 -16.94 3.81 -5.83
N THR B 85 -28.40 -10.04 -4.64
CA THR B 85 -29.18 -10.72 -3.59
C THR B 85 -28.32 -11.67 -2.73
N PRO B 86 -28.18 -11.36 -1.42
CA PRO B 86 -27.29 -12.11 -0.52
C PRO B 86 -27.52 -13.62 -0.49
N ASP B 87 -28.77 -14.03 -0.36
CA ASP B 87 -29.07 -15.46 -0.25
C ASP B 87 -28.89 -16.20 -1.57
N ASP B 88 -29.24 -15.54 -2.67
CA ASP B 88 -28.98 -16.08 -4.00
C ASP B 88 -27.48 -16.20 -4.28
N ASP B 89 -26.73 -15.17 -3.90
CA ASP B 89 -25.28 -15.13 -4.10
C ASP B 89 -24.64 -16.36 -3.50
N LEU B 90 -24.96 -16.62 -2.24
CA LEU B 90 -24.40 -17.75 -1.50
C LEU B 90 -24.85 -19.11 -2.07
N ALA B 91 -26.12 -19.19 -2.48
CA ALA B 91 -26.63 -20.37 -3.17
C ALA B 91 -25.81 -20.66 -4.42
N GLN B 92 -25.55 -19.62 -5.19
CA GLN B 92 -24.73 -19.75 -6.41
C GLN B 92 -23.31 -20.25 -6.11
N LEU B 93 -22.72 -19.70 -5.04
CA LEU B 93 -21.36 -20.11 -4.64
C LEU B 93 -21.31 -21.55 -4.18
N ARG B 94 -22.29 -21.95 -3.36
CA ARG B 94 -22.45 -23.33 -2.89
C ARG B 94 -22.60 -24.30 -4.07
N ALA B 95 -23.45 -23.91 -5.04
CA ALA B 95 -23.60 -24.63 -6.29
C ALA B 95 -22.27 -24.80 -7.05
N GLU B 96 -21.39 -23.80 -6.96
CA GLU B 96 -20.08 -23.90 -7.65
C GLU B 96 -19.01 -24.65 -6.84
N GLY B 97 -19.34 -25.09 -5.63
CA GLY B 97 -18.32 -25.72 -4.77
C GLY B 97 -17.29 -24.76 -4.17
N VAL B 98 -17.69 -23.49 -3.97
CA VAL B 98 -16.81 -22.50 -3.34
C VAL B 98 -16.75 -22.77 -1.84
N GLU B 99 -15.56 -22.79 -1.24
CA GLU B 99 -15.51 -23.10 0.21
C GLU B 99 -15.52 -21.92 1.17
N ILE B 100 -15.16 -20.73 0.67
CA ILE B 100 -15.14 -19.55 1.50
C ILE B 100 -15.81 -18.35 0.83
N ALA B 101 -16.77 -17.77 1.52
CA ALA B 101 -17.29 -16.45 1.21
C ALA B 101 -16.87 -15.49 2.31
N PHE B 102 -16.36 -14.33 1.92
CA PHE B 102 -15.94 -13.30 2.88
C PHE B 102 -16.90 -12.13 2.70
N THR B 103 -17.73 -11.87 3.70
CA THR B 103 -18.81 -10.89 3.57
C THR B 103 -18.71 -9.82 4.67
N PRO B 104 -17.70 -8.93 4.61
CA PRO B 104 -17.53 -7.99 5.71
C PRO B 104 -18.46 -6.78 5.61
N THR B 105 -18.70 -6.12 6.75
CA THR B 105 -19.41 -4.84 6.80
C THR B 105 -18.46 -3.70 6.41
N THR B 106 -19.02 -2.55 6.02
CA THR B 106 -18.22 -1.34 5.81
C THR B 106 -17.40 -1.00 7.06
N ALA B 107 -18.03 -1.03 8.24
CA ALA B 107 -17.32 -0.79 9.51
C ALA B 107 -16.12 -1.73 9.77
N ALA B 108 -16.25 -3.00 9.39
CA ALA B 108 -15.16 -3.96 9.58
C ALA B 108 -13.99 -3.65 8.65
N MET B 109 -14.33 -3.19 7.45
CA MET B 109 -13.34 -2.84 6.45
C MET B 109 -12.69 -1.49 6.76
N TYR B 110 -13.48 -0.57 7.33
CA TYR B 110 -12.99 0.79 7.59
C TYR B 110 -13.24 1.16 9.07
N PRO B 111 -12.65 0.42 10.02
CA PRO B 111 -12.98 0.68 11.44
C PRO B 111 -12.52 2.06 11.91
N ASP B 112 -11.52 2.62 11.23
CA ASP B 112 -11.03 3.96 11.55
C ASP B 112 -11.46 5.00 10.52
N GLY B 113 -12.50 4.67 9.76
CA GLY B 113 -12.92 5.45 8.64
C GLY B 113 -11.88 5.53 7.53
N LEU B 114 -12.05 6.52 6.68
CA LEU B 114 -11.12 6.80 5.59
C LEU B 114 -9.85 7.55 6.06
N ARG B 115 -8.70 6.97 5.82
CA ARG B 115 -7.49 7.54 6.38
C ARG B 115 -6.35 7.31 5.39
N THR B 116 -5.53 6.27 5.59
CA THR B 116 -4.49 5.92 4.60
C THR B 116 -5.16 5.28 3.38
N THR B 117 -4.81 5.77 2.19
CA THR B 117 -5.40 5.23 0.99
C THR B 117 -4.34 5.06 -0.08
N VAL B 118 -4.72 4.37 -1.16
CA VAL B 118 -3.81 4.19 -2.28
C VAL B 118 -4.04 5.32 -3.30
N GLN B 119 -2.95 5.92 -3.79
CA GLN B 119 -3.05 6.92 -4.83
C GLN B 119 -2.56 6.25 -6.13
N PRO B 120 -3.48 6.00 -7.08
CA PRO B 120 -3.07 5.46 -8.39
C PRO B 120 -2.11 6.38 -9.12
N GLY B 121 -1.36 5.78 -10.04
CA GLY B 121 -0.53 6.56 -10.96
C GLY B 121 -1.40 7.28 -11.98
N PRO B 122 -0.76 8.02 -12.90
CA PRO B 122 -1.37 8.93 -13.90
C PRO B 122 -2.42 8.25 -14.80
N LEU B 123 -2.30 6.92 -14.99
CA LEU B 123 -3.30 6.18 -15.78
C LEU B 123 -4.72 6.35 -15.23
N ALA B 124 -4.86 6.49 -13.91
CA ALA B 124 -6.18 6.70 -13.30
C ALA B 124 -6.90 7.99 -13.71
N ALA B 125 -6.17 8.95 -14.26
CA ALA B 125 -6.76 10.21 -14.67
C ALA B 125 -7.32 10.12 -16.08
N GLU B 126 -6.97 9.07 -16.80
CA GLU B 126 -7.37 8.91 -18.20
C GLU B 126 -8.64 8.05 -18.35
N LEU B 127 -9.25 8.09 -19.54
CA LEU B 127 -10.31 7.14 -19.89
C LEU B 127 -11.46 7.16 -18.87
N GLU B 128 -11.63 6.11 -18.06
CA GLU B 128 -12.75 6.11 -17.10
C GLU B 128 -12.53 7.09 -15.95
N GLY B 129 -11.28 7.48 -15.74
CA GLY B 129 -10.93 8.44 -14.71
C GLY B 129 -11.27 9.86 -15.07
N GLY B 130 -11.86 10.04 -16.26
CA GLY B 130 -12.40 11.33 -16.72
C GLY B 130 -13.74 11.68 -16.09
N PRO B 131 -14.78 10.84 -16.32
CA PRO B 131 -16.03 10.97 -15.53
C PRO B 131 -15.91 10.61 -14.04
N ARG B 132 -14.88 9.84 -13.65
CA ARG B 132 -14.71 9.43 -12.25
C ARG B 132 -13.22 9.49 -11.83
N PRO B 133 -12.70 10.71 -11.54
CA PRO B 133 -11.29 10.93 -11.16
C PRO B 133 -10.80 10.15 -9.93
N THR B 134 -11.70 9.85 -9.02
CA THR B 134 -11.33 9.20 -7.77
C THR B 134 -11.75 7.75 -7.69
N HIS B 135 -12.53 7.27 -8.67
CA HIS B 135 -13.05 5.89 -8.67
C HIS B 135 -11.91 4.87 -8.38
N PHE B 136 -10.82 5.00 -9.12
CA PHE B 136 -9.80 3.99 -9.06
C PHE B 136 -9.02 4.01 -7.73
N ALA B 137 -8.93 5.16 -7.09
CA ALA B 137 -8.27 5.26 -5.78
C ALA B 137 -9.04 4.37 -4.82
N GLY B 138 -10.37 4.46 -4.83
CA GLY B 138 -11.23 3.56 -4.03
C GLY B 138 -11.04 2.07 -4.33
N VAL B 139 -11.01 1.71 -5.61
CA VAL B 139 -10.84 0.32 -6.03
C VAL B 139 -9.48 -0.19 -5.56
N LEU B 140 -8.44 0.57 -5.83
CA LEU B 140 -7.09 0.09 -5.50
C LEU B 140 -6.91 -0.08 -3.97
N THR B 141 -7.51 0.80 -3.21
CA THR B 141 -7.42 0.75 -1.74
C THR B 141 -8.13 -0.50 -1.22
N VAL B 142 -9.33 -0.78 -1.71
CA VAL B 142 -10.03 -1.94 -1.26
CA VAL B 142 -10.06 -1.97 -1.31
C VAL B 142 -9.39 -3.24 -1.75
N VAL B 143 -8.93 -3.27 -3.00
CA VAL B 143 -8.22 -4.45 -3.51
C VAL B 143 -6.96 -4.72 -2.66
N LEU B 144 -6.17 -3.69 -2.37
CA LEU B 144 -5.02 -3.88 -1.50
C LEU B 144 -5.41 -4.48 -0.13
N LYS B 145 -6.46 -3.94 0.50
CA LYS B 145 -6.95 -4.45 1.80
C LYS B 145 -7.36 -5.92 1.69
N LEU B 146 -8.13 -6.23 0.67
CA LEU B 146 -8.58 -7.62 0.45
C LEU B 146 -7.39 -8.55 0.26
N LEU B 147 -6.39 -8.13 -0.51
CA LEU B 147 -5.17 -8.94 -0.71
C LEU B 147 -4.42 -9.19 0.63
N GLN B 148 -4.43 -8.18 1.49
CA GLN B 148 -3.69 -8.27 2.74
C GLN B 148 -4.43 -9.14 3.75
N ILE B 149 -5.76 -9.09 3.71
CA ILE B 149 -6.58 -9.90 4.63
C ILE B 149 -6.52 -11.38 4.22
N VAL B 150 -6.64 -11.64 2.92
CA VAL B 150 -6.79 -13.03 2.41
C VAL B 150 -5.43 -13.66 2.10
N ARG B 151 -4.45 -12.83 1.71
CA ARG B 151 -3.15 -13.29 1.21
CA ARG B 151 -3.15 -13.30 1.22
C ARG B 151 -3.28 -14.48 0.25
N PRO B 152 -3.98 -14.26 -0.90
CA PRO B 152 -4.21 -15.35 -1.85
C PRO B 152 -2.94 -15.56 -2.63
N ASP B 153 -2.76 -16.76 -3.18
CA ASP B 153 -1.69 -16.99 -4.14
C ASP B 153 -2.01 -16.36 -5.49
N ARG B 154 -3.29 -16.34 -5.87
CA ARG B 154 -3.73 -15.77 -7.14
C ARG B 154 -5.02 -15.02 -6.89
N VAL B 155 -5.18 -13.91 -7.63
CA VAL B 155 -6.41 -13.11 -7.57
C VAL B 155 -6.96 -12.94 -8.99
N PHE B 156 -8.27 -13.08 -9.12
CA PHE B 156 -8.95 -13.18 -10.42
C PHE B 156 -9.89 -11.99 -10.70
N PHE B 157 -9.70 -11.36 -11.87
CA PHE B 157 -10.55 -10.24 -12.32
C PHE B 157 -11.00 -10.47 -13.78
N GLY B 158 -12.18 -9.99 -14.15
CA GLY B 158 -12.62 -10.06 -15.54
C GLY B 158 -11.82 -9.03 -16.32
N GLU B 159 -11.63 -9.26 -17.62
CA GLU B 159 -11.00 -8.28 -18.51
C GLU B 159 -11.93 -7.12 -18.91
N LYS B 160 -13.20 -7.19 -18.55
N LYS B 160 -13.19 -7.24 -18.52
CA LYS B 160 -14.14 -6.13 -19.00
CA LYS B 160 -14.21 -6.24 -18.82
C LYS B 160 -13.79 -4.76 -18.45
C LYS B 160 -13.74 -4.86 -18.46
N ASP B 161 -13.37 -4.68 -17.20
CA ASP B 161 -12.89 -3.41 -16.70
C ASP B 161 -11.38 -3.43 -16.89
N TYR B 162 -10.96 -3.23 -18.14
CA TYR B 162 -9.57 -3.39 -18.52
C TYR B 162 -8.60 -2.39 -17.85
N GLN B 163 -8.98 -1.11 -17.90
CA GLN B 163 -8.20 -0.08 -17.24
C GLN B 163 -7.99 -0.38 -15.74
N GLN B 164 -9.06 -0.83 -15.08
CA GLN B 164 -9.01 -1.25 -13.71
C GLN B 164 -8.01 -2.37 -13.52
N LEU B 165 -8.10 -3.38 -14.36
CA LEU B 165 -7.20 -4.52 -14.31
C LEU B 165 -5.72 -4.09 -14.45
N VAL B 166 -5.44 -3.21 -15.40
CA VAL B 166 -4.06 -2.65 -15.57
C VAL B 166 -3.63 -1.89 -14.32
N LEU B 167 -4.52 -1.09 -13.75
CA LEU B 167 -4.17 -0.39 -12.52
C LEU B 167 -3.87 -1.34 -11.36
N ILE B 168 -4.65 -2.41 -11.25
N ILE B 168 -4.63 -2.43 -11.25
CA ILE B 168 -4.36 -3.50 -10.30
CA ILE B 168 -4.32 -3.45 -10.24
C ILE B 168 -2.97 -4.08 -10.51
C ILE B 168 -2.97 -4.16 -10.49
N ARG B 169 -2.62 -4.41 -11.75
CA ARG B 169 -1.30 -4.97 -12.00
CA ARG B 169 -1.30 -4.96 -12.03
C ARG B 169 -0.22 -3.94 -11.61
N GLN B 170 -0.51 -2.65 -11.82
CA GLN B 170 0.43 -1.59 -11.41
C GLN B 170 0.55 -1.56 -9.88
N LEU B 171 -0.56 -1.62 -9.19
CA LEU B 171 -0.56 -1.77 -7.72
C LEU B 171 0.39 -2.89 -7.28
N VAL B 172 0.20 -4.09 -7.84
CA VAL B 172 0.96 -5.26 -7.45
C VAL B 172 2.47 -5.07 -7.71
N ALA B 173 2.80 -4.54 -8.88
CA ALA B 173 4.20 -4.26 -9.24
C ALA B 173 4.82 -3.23 -8.29
N ASP B 174 4.13 -2.11 -8.17
CA ASP B 174 4.64 -0.95 -7.45
C ASP B 174 4.80 -1.16 -5.96
N PHE B 175 3.92 -1.95 -5.37
CA PHE B 175 3.99 -2.22 -3.93
C PHE B 175 4.63 -3.59 -3.63
N ASN B 176 5.23 -4.23 -4.64
CA ASN B 176 5.91 -5.52 -4.46
C ASN B 176 5.02 -6.58 -3.82
N LEU B 177 3.76 -6.60 -4.25
CA LEU B 177 2.85 -7.64 -3.72
C LEU B 177 3.15 -9.02 -4.29
N ASP B 178 3.03 -10.00 -3.41
N ASP B 178 3.09 -10.09 -3.53
CA ASP B 178 3.32 -11.41 -3.72
CA ASP B 178 3.57 -11.37 -4.12
C ASP B 178 2.01 -12.14 -4.02
C ASP B 178 2.53 -12.16 -4.95
N VAL B 179 1.32 -11.62 -5.02
CA VAL B 179 0.17 -12.26 -5.60
C VAL B 179 0.24 -12.24 -7.12
N ALA B 180 -0.30 -13.31 -7.72
CA ALA B 180 -0.38 -13.39 -9.17
C ALA B 180 -1.75 -12.83 -9.59
N VAL B 181 -1.77 -11.85 -10.49
CA VAL B 181 -3.05 -11.28 -11.02
C VAL B 181 -3.47 -12.04 -12.28
N VAL B 182 -4.69 -12.61 -12.24
CA VAL B 182 -5.21 -13.40 -13.38
C VAL B 182 -6.39 -12.65 -14.03
N GLY B 183 -6.19 -12.23 -15.29
CA GLY B 183 -7.27 -11.64 -16.10
C GLY B 183 -8.06 -12.73 -16.82
N VAL B 184 -9.39 -12.72 -16.66
CA VAL B 184 -10.20 -13.79 -17.24
C VAL B 184 -11.03 -13.16 -18.37
N PRO B 185 -11.02 -13.80 -19.56
CA PRO B 185 -11.76 -13.22 -20.70
C PRO B 185 -13.21 -12.90 -20.36
N THR B 186 -13.66 -11.76 -20.87
CA THR B 186 -15.00 -11.26 -20.60
C THR B 186 -16.05 -12.28 -21.09
N VAL B 187 -16.95 -12.66 -20.18
CA VAL B 187 -18.13 -13.43 -20.53
C VAL B 187 -19.10 -12.48 -21.24
N ARG B 188 -19.73 -12.99 -22.29
CA ARG B 188 -20.58 -12.17 -23.15
C ARG B 188 -21.92 -12.85 -23.41
N GLU B 189 -22.93 -12.03 -23.62
CA GLU B 189 -24.22 -12.55 -24.14
C GLU B 189 -24.09 -13.15 -25.54
N ALA B 190 -25.13 -13.83 -26.02
CA ALA B 190 -25.04 -14.59 -27.24
C ALA B 190 -24.72 -13.69 -28.44
N ASP B 191 -25.17 -12.42 -28.39
CA ASP B 191 -24.90 -11.51 -29.50
C ASP B 191 -23.60 -10.71 -29.35
N GLY B 192 -22.85 -11.05 -28.27
CA GLY B 192 -21.57 -10.40 -27.99
C GLY B 192 -21.58 -9.29 -26.95
N LEU B 193 -22.74 -8.86 -26.47
CA LEU B 193 -22.75 -7.83 -25.41
C LEU B 193 -22.00 -8.29 -24.16
N ALA B 194 -21.04 -7.48 -23.72
CA ALA B 194 -20.29 -7.77 -22.52
C ALA B 194 -21.18 -7.81 -21.28
N MET B 195 -21.02 -8.87 -20.48
CA MET B 195 -21.86 -8.98 -19.29
C MET B 195 -21.60 -7.84 -18.31
N SER B 196 -22.68 -7.32 -17.73
CA SER B 196 -22.63 -6.14 -16.86
C SER B 196 -23.95 -6.02 -16.11
N SER B 197 -23.87 -5.53 -14.88
CA SER B 197 -25.05 -5.47 -14.04
C SER B 197 -25.98 -4.40 -14.62
N ARG B 198 -25.40 -3.52 -15.44
CA ARG B 198 -26.20 -2.48 -16.08
C ARG B 198 -27.08 -2.94 -17.27
N ASN B 199 -26.78 -4.10 -17.85
CA ASN B 199 -27.49 -4.54 -19.06
C ASN B 199 -29.00 -4.65 -18.91
N ARG B 200 -29.43 -4.98 -17.69
CA ARG B 200 -30.84 -5.19 -17.37
C ARG B 200 -31.70 -3.92 -17.41
N TYR B 201 -31.05 -2.76 -17.30
CA TYR B 201 -31.75 -1.47 -17.32
C TYR B 201 -32.02 -0.97 -18.74
N LEU B 202 -31.40 -1.63 -19.72
CA LEU B 202 -31.57 -1.24 -21.11
C LEU B 202 -32.96 -1.65 -21.60
N ASP B 203 -33.71 -0.68 -22.12
CA ASP B 203 -34.94 -1.02 -22.82
C ASP B 203 -34.62 -1.74 -24.14
N PRO B 204 -35.63 -2.35 -24.80
CA PRO B 204 -35.27 -3.20 -25.94
C PRO B 204 -34.53 -2.51 -27.11
N ALA B 205 -34.83 -1.22 -27.33
CA ALA B 205 -34.17 -0.41 -28.37
C ALA B 205 -32.71 -0.17 -27.97
N GLN B 206 -32.48 0.10 -26.69
CA GLN B 206 -31.12 0.31 -26.16
C GLN B 206 -30.32 -0.98 -26.15
N ARG B 207 -30.99 -2.08 -25.78
CA ARG B 207 -30.32 -3.39 -25.72
C ARG B 207 -29.90 -3.80 -27.11
N ALA B 208 -30.76 -3.53 -28.09
CA ALA B 208 -30.46 -3.78 -29.49
C ALA B 208 -29.28 -2.94 -29.95
N ALA B 209 -29.30 -1.65 -29.62
CA ALA B 209 -28.22 -0.73 -30.06
C ALA B 209 -26.90 -1.06 -29.39
N ALA B 210 -26.96 -1.54 -28.14
CA ALA B 210 -25.74 -1.82 -27.34
C ALA B 210 -24.82 -2.87 -27.97
N VAL B 211 -25.40 -3.74 -28.80
N VAL B 211 -25.41 -3.73 -28.80
CA VAL B 211 -24.59 -4.72 -29.54
CA VAL B 211 -24.63 -4.71 -29.60
C VAL B 211 -23.53 -4.03 -30.41
C VAL B 211 -23.52 -4.01 -30.38
N ALA B 212 -23.72 -2.73 -30.73
CA ALA B 212 -22.71 -1.98 -31.53
C ALA B 212 -21.33 -1.93 -30.86
N LEU B 213 -21.27 -1.91 -29.53
CA LEU B 213 -19.96 -1.84 -28.83
C LEU B 213 -19.11 -3.06 -29.17
N SER B 214 -19.64 -4.25 -28.92
CA SER B 214 -18.87 -5.48 -29.21
C SER B 214 -18.66 -5.66 -30.71
N ALA B 215 -19.67 -5.33 -31.49
CA ALA B 215 -19.59 -5.49 -32.95
C ALA B 215 -18.50 -4.59 -33.52
N ALA B 216 -18.40 -3.34 -33.02
CA ALA B 216 -17.38 -2.42 -33.47
C ALA B 216 -15.98 -2.92 -33.15
N LEU B 217 -15.83 -3.49 -31.93
CA LEU B 217 -14.54 -3.93 -31.43
C LEU B 217 -14.11 -5.20 -32.19
N THR B 218 -15.01 -6.15 -32.41
CA THR B 218 -14.67 -7.35 -33.18
CA THR B 218 -14.66 -7.37 -33.16
C THR B 218 -14.36 -7.04 -34.66
N ALA B 219 -15.15 -6.15 -35.26
CA ALA B 219 -14.88 -5.70 -36.64
C ALA B 219 -13.47 -5.12 -36.67
N ALA B 220 -13.16 -4.26 -35.69
CA ALA B 220 -11.82 -3.65 -35.56
C ALA B 220 -10.71 -4.69 -35.48
N ALA B 221 -10.92 -5.72 -34.65
CA ALA B 221 -9.90 -6.74 -34.40
C ALA B 221 -9.61 -7.45 -35.72
N HIS B 222 -10.64 -7.61 -36.54
CA HIS B 222 -10.47 -8.27 -37.84
C HIS B 222 -9.99 -7.34 -38.95
N ALA B 223 -10.37 -6.06 -38.89
CA ALA B 223 -9.94 -5.06 -39.83
C ALA B 223 -8.42 -4.82 -39.71
N ALA B 224 -7.86 -5.23 -38.56
CA ALA B 224 -6.48 -4.84 -38.11
C ALA B 224 -5.33 -5.35 -39.00
N THR B 225 -5.61 -6.34 -39.83
CA THR B 225 -4.64 -6.78 -40.86
C THR B 225 -4.33 -5.66 -41.82
N ALA B 226 -5.28 -4.73 -41.97
CA ALA B 226 -5.13 -3.56 -42.83
C ALA B 226 -4.51 -2.34 -42.11
N GLY B 227 -4.16 -2.50 -40.83
CA GLY B 227 -3.51 -1.46 -40.02
C GLY B 227 -4.41 -0.78 -38.99
N ALA B 228 -3.76 0.04 -38.16
CA ALA B 228 -4.42 0.75 -37.07
C ALA B 228 -5.55 1.66 -37.49
N GLN B 229 -5.33 2.47 -38.53
CA GLN B 229 -6.36 3.38 -38.96
C GLN B 229 -7.57 2.62 -39.51
N ALA B 230 -7.31 1.57 -40.29
CA ALA B 230 -8.41 0.72 -40.78
C ALA B 230 -9.23 0.19 -39.61
N ALA B 231 -8.55 -0.28 -38.56
CA ALA B 231 -9.23 -0.88 -37.41
C ALA B 231 -10.09 0.15 -36.71
N LEU B 232 -9.52 1.31 -36.46
CA LEU B 232 -10.28 2.39 -35.81
C LEU B 232 -11.45 2.88 -36.64
N ASP B 233 -11.26 2.93 -37.96
CA ASP B 233 -12.29 3.49 -38.83
C ASP B 233 -13.43 2.50 -38.90
N ALA B 234 -13.10 1.20 -38.92
CA ALA B 234 -14.11 0.10 -38.91
C ALA B 234 -14.97 0.19 -37.64
N ALA B 235 -14.31 0.27 -36.47
CA ALA B 235 -15.01 0.46 -35.20
C ALA B 235 -15.94 1.67 -35.23
N ARG B 236 -15.40 2.79 -35.68
CA ARG B 236 -16.18 4.03 -35.71
C ARG B 236 -17.41 3.90 -36.62
N ALA B 237 -17.26 3.22 -37.75
CA ALA B 237 -18.35 3.09 -38.71
C ALA B 237 -19.46 2.26 -38.06
N VAL B 238 -19.10 1.17 -37.38
CA VAL B 238 -20.11 0.38 -36.70
C VAL B 238 -20.88 1.18 -35.61
N LEU B 239 -20.13 1.90 -34.75
CA LEU B 239 -20.73 2.78 -33.73
C LEU B 239 -21.64 3.82 -34.39
N ASP B 240 -21.20 4.36 -35.52
CA ASP B 240 -21.94 5.41 -36.26
C ASP B 240 -23.26 4.87 -36.87
N ALA B 241 -23.35 3.55 -37.04
CA ALA B 241 -24.58 2.87 -37.49
C ALA B 241 -25.65 2.66 -36.39
N ALA B 242 -25.32 3.01 -35.13
CA ALA B 242 -26.24 2.75 -33.99
C ALA B 242 -26.95 4.03 -33.57
N PRO B 243 -28.28 3.98 -33.37
CA PRO B 243 -28.89 5.18 -32.83
C PRO B 243 -28.76 5.24 -31.30
N GLY B 244 -28.74 6.44 -30.73
CA GLY B 244 -28.77 6.62 -29.27
C GLY B 244 -27.56 6.05 -28.53
N VAL B 245 -26.42 6.03 -29.21
CA VAL B 245 -25.17 5.56 -28.62
C VAL B 245 -24.15 6.71 -28.63
N ALA B 246 -24.00 7.35 -27.48
CA ALA B 246 -23.15 8.51 -27.34
C ALA B 246 -21.76 8.06 -26.93
N VAL B 247 -20.88 7.95 -27.90
CA VAL B 247 -19.53 7.47 -27.62
C VAL B 247 -18.68 8.50 -26.85
N ASP B 248 -18.25 8.10 -25.67
CA ASP B 248 -17.36 8.92 -24.87
C ASP B 248 -15.91 8.85 -25.32
N TYR B 249 -15.41 7.64 -25.59
CA TYR B 249 -14.10 7.48 -26.23
C TYR B 249 -14.00 6.19 -26.99
N LEU B 250 -13.09 6.18 -27.96
CA LEU B 250 -12.74 4.97 -28.68
C LEU B 250 -11.25 5.10 -28.87
N GLU B 251 -10.48 4.29 -28.14
N GLU B 251 -10.49 4.30 -28.13
CA GLU B 251 -9.05 4.48 -28.04
CA GLU B 251 -9.05 4.48 -28.10
C GLU B 251 -8.27 3.19 -28.22
C GLU B 251 -8.27 3.19 -28.24
N LEU B 252 -7.25 3.25 -29.07
CA LEU B 252 -6.35 2.12 -29.28
C LEU B 252 -5.04 2.43 -28.52
N ARG B 253 -4.67 1.51 -27.64
CA ARG B 253 -3.48 1.65 -26.78
C ARG B 253 -2.64 0.39 -26.80
N ASP B 254 -1.42 0.45 -26.26
CA ASP B 254 -0.68 -0.79 -26.08
C ASP B 254 -1.33 -1.58 -24.94
N ILE B 255 -0.85 -2.79 -24.69
CA ILE B 255 -1.53 -3.63 -23.73
C ILE B 255 -1.49 -3.12 -22.25
N GLY B 256 -0.55 -2.22 -21.93
CA GLY B 256 -0.48 -1.59 -20.59
C GLY B 256 -1.16 -0.22 -20.51
N LEU B 257 -1.83 0.10 -21.62
CA LEU B 257 -2.57 1.35 -21.84
C LEU B 257 -1.74 2.63 -22.09
N GLY B 258 -0.46 2.42 -22.40
CA GLY B 258 0.36 3.46 -22.98
C GLY B 258 0.06 3.57 -24.47
N PRO B 259 0.79 4.47 -25.17
CA PRO B 259 0.59 4.72 -26.60
C PRO B 259 0.75 3.46 -27.40
N MET B 260 -0.12 3.29 -28.38
CA MET B 260 -0.06 2.15 -29.29
C MET B 260 1.20 2.21 -30.15
N PRO B 261 2.01 1.13 -30.12
CA PRO B 261 3.18 1.00 -30.99
C PRO B 261 2.75 0.76 -32.44
N LEU B 262 3.57 1.23 -33.39
CA LEU B 262 3.33 1.11 -34.83
C LEU B 262 2.80 -0.26 -35.28
N ASN B 263 3.37 -1.31 -34.70
CA ASN B 263 2.85 -2.65 -34.89
C ASN B 263 2.98 -3.45 -33.59
N GLY B 264 2.23 -4.54 -33.49
CA GLY B 264 2.28 -5.40 -32.33
C GLY B 264 0.96 -5.44 -31.60
N SER B 265 0.99 -5.92 -30.37
CA SER B 265 -0.21 -6.11 -29.58
C SER B 265 -0.72 -4.79 -29.02
N GLY B 266 -2.03 -4.68 -28.98
CA GLY B 266 -2.68 -3.58 -28.33
C GLY B 266 -4.03 -3.95 -27.75
N ARG B 267 -4.71 -2.92 -27.28
CA ARG B 267 -6.07 -3.06 -26.79
C ARG B 267 -6.88 -1.94 -27.33
N LEU B 268 -8.08 -2.24 -27.81
CA LEU B 268 -9.01 -1.20 -28.25
C LEU B 268 -10.10 -1.08 -27.22
N LEU B 269 -10.29 0.12 -26.69
CA LEU B 269 -11.27 0.36 -25.61
C LEU B 269 -12.37 1.33 -26.05
N VAL B 270 -13.62 1.08 -25.68
CA VAL B 270 -14.76 1.97 -26.00
C VAL B 270 -15.60 2.16 -24.75
N ALA B 271 -16.15 3.37 -24.63
CA ALA B 271 -17.18 3.64 -23.63
C ALA B 271 -18.24 4.48 -24.30
N ALA B 272 -19.49 4.19 -23.96
CA ALA B 272 -20.63 4.88 -24.53
C ALA B 272 -21.77 5.00 -23.53
N ARG B 273 -22.57 6.05 -23.68
CA ARG B 273 -23.82 6.19 -22.93
C ARG B 273 -25.05 5.91 -23.76
N LEU B 274 -25.93 5.06 -23.23
CA LEU B 274 -27.23 4.78 -23.85
C LEU B 274 -28.32 5.21 -22.88
N GLY B 275 -29.02 6.31 -23.18
CA GLY B 275 -30.00 6.83 -22.21
C GLY B 275 -29.18 7.21 -20.99
N THR B 276 -29.41 6.56 -19.85
CA THR B 276 -28.65 6.90 -18.64
C THR B 276 -27.60 5.87 -18.26
N THR B 277 -27.43 4.84 -19.08
CA THR B 277 -26.47 3.79 -18.69
C THR B 277 -25.16 3.83 -19.46
N ARG B 278 -24.06 3.78 -18.74
CA ARG B 278 -22.75 3.82 -19.35
C ARG B 278 -22.29 2.39 -19.55
N LEU B 279 -21.88 2.11 -20.79
CA LEU B 279 -21.40 0.78 -21.13
C LEU B 279 -19.94 0.85 -21.55
N LEU B 280 -19.17 -0.19 -21.26
CA LEU B 280 -17.76 -0.22 -21.67
C LEU B 280 -17.53 -1.54 -22.35
N ASP B 281 -16.55 -1.56 -23.25
CA ASP B 281 -16.04 -2.82 -23.78
C ASP B 281 -14.59 -2.63 -24.21
N ASN B 282 -13.87 -3.73 -24.38
CA ASN B 282 -12.51 -3.62 -24.88
C ASN B 282 -12.14 -4.93 -25.56
N ILE B 283 -11.14 -4.91 -26.42
CA ILE B 283 -10.70 -6.13 -27.13
C ILE B 283 -9.21 -6.10 -27.43
N ALA B 284 -8.60 -7.29 -27.44
CA ALA B 284 -7.25 -7.51 -27.96
C ALA B 284 -7.22 -7.16 -29.45
N ILE B 285 -6.21 -6.39 -29.82
CA ILE B 285 -5.92 -6.04 -31.20
C ILE B 285 -4.46 -6.38 -31.54
N GLU B 286 -4.23 -6.98 -32.71
CA GLU B 286 -2.88 -7.23 -33.22
C GLU B 286 -2.72 -6.44 -34.53
N ILE B 287 -1.72 -5.58 -34.60
CA ILE B 287 -1.63 -4.67 -35.75
C ILE B 287 -0.83 -5.25 -36.92
N GLY B 288 -1.53 -5.37 -38.06
CA GLY B 288 -0.98 -5.91 -39.30
C GLY B 288 -1.18 -7.41 -39.41
C FG6 C . 17.80 9.84 13.62
N FG6 C . 16.71 7.74 14.77
O FG6 C . 18.65 9.15 13.06
CA FG6 C . 16.89 9.23 14.68
CAA FG6 C . 16.12 3.66 19.52
OAC FG6 C . 16.16 8.08 12.04
OAD FG6 C . 17.59 5.17 9.54
OAE FG6 C . 16.74 7.40 9.57
CAG FG6 C . 11.92 3.78 6.78
CAH FG6 C . 11.14 3.93 7.93
CAI FG6 C . 16.92 7.04 18.36
CAJ FG6 C . 13.26 4.14 6.84
CAK FG6 C . 11.73 4.44 9.09
CAL FG6 C . 16.93 7.80 17.19
CAM FG6 C . 16.52 5.10 16.98
CAN FG6 C . 14.99 5.04 8.25
CAO FG6 C . 16.38 5.61 14.55
NAQ FG6 C . 16.54 5.87 11.76
OAR FG6 C . 16.69 4.99 19.46
OAS FG6 C . 13.93 5.32 10.13
CAU FG6 C . 16.39 6.96 12.53
CAV FG6 C . 16.70 5.67 18.27
CAW FG6 C . 15.07 5.42 9.50
CAX FG6 C . 16.48 6.77 13.88
CAY FG6 C . 13.76 4.63 7.97
CAZ FG6 C . 16.54 5.88 15.88
CBA FG6 C . 13.04 4.77 9.09
CBB FG6 C . 16.74 7.21 15.99
SBD FG6 C . 16.48 5.98 10.09
OXT FG6 C . 17.60 11.06 13.42
C FG6 D . 2.34 17.73 -7.15
N FG6 D . 2.02 17.52 -4.61
O FG6 D . 3.06 17.58 -8.16
CA FG6 D . 3.01 17.49 -5.76
CAA FG6 D . -0.08 21.25 -0.17
OAC FG6 D . 0.27 14.53 -3.96
OAD FG6 D . 1.97 13.36 -7.69
OAE FG6 D . 0.28 12.71 -5.90
CAG FG6 D . 6.80 11.66 -3.35
CAH FG6 D . 5.99 10.72 -2.72
CAI FG6 D . 2.16 20.85 -3.04
CAJ FG6 D . 6.20 12.51 -4.27
CAK FG6 D . 4.63 10.66 -3.03
CAL FG6 D . 2.48 19.83 -3.92
CAM FG6 D . 0.58 19.35 -2.05
CAN FG6 D . 4.15 13.14 -5.34
CAO FG6 D . 0.48 17.15 -3.09
NAQ FG6 D . 1.71 14.98 -5.66
OAR FG6 D . 0.87 21.63 -1.20
OAS FG6 D . 2.80 11.67 -4.38
CAU FG6 D . 0.99 15.33 -4.56
CAV FG6 D . 1.18 20.62 -2.08
CAW FG6 D . 2.91 12.68 -5.28
CAX FG6 D . 1.15 16.61 -4.14
CAY FG6 D . 4.90 12.42 -4.52
CAZ FG6 D . 0.92 18.40 -2.93
CBA FG6 D . 4.12 11.51 -3.91
CBB FG6 D . 1.87 18.63 -3.87
SBD FG6 D . 1.63 13.39 -6.21
OXT FG6 D . 1.12 18.04 -7.19
C1 EOH E . 1.73 9.46 -7.29
C2 EOH E . 0.55 8.51 -7.03
O EOH E . 2.15 9.37 -8.64
C1 EOH F . 17.49 15.79 33.11
C2 EOH F . 16.98 14.36 33.20
O EOH F . 17.03 16.50 31.97
C1 EOH G . -7.54 -8.34 9.71
C2 EOH G . -6.89 -9.53 10.42
O EOH G . -6.56 -7.43 9.28
C1 EOH H . 11.46 8.04 -6.44
C2 EOH H . 11.02 7.85 -7.88
O EOH H . 10.74 9.07 -5.79
C1 EDO I . 8.61 -12.29 0.57
O1 EDO I . 9.17 -12.97 1.69
C2 EDO I . 7.17 -12.73 0.41
O2 EDO I . 7.18 -14.05 -0.15
C1 EDO J . 2.91 -6.94 5.22
O1 EDO J . 3.21 -7.25 6.60
C2 EDO J . 2.05 -8.09 4.68
O2 EDO J . 0.72 -8.00 5.23
C1 EDO K . 6.49 2.69 -6.24
O1 EDO K . 7.41 1.72 -6.79
C2 EDO K . 5.85 3.38 -7.42
O2 EDO K . 5.33 4.64 -7.03
C1 EDO L . 10.08 1.62 -16.92
O1 EDO L . 8.73 2.03 -16.60
C2 EDO L . 10.72 2.70 -17.78
O2 EDO L . 10.47 3.96 -17.12
C1 GOL M . 23.81 27.93 19.42
O1 GOL M . 23.53 26.62 19.00
C2 GOL M . 25.29 28.21 19.25
O2 GOL M . 25.87 28.10 20.51
C3 GOL M . 25.47 29.62 18.70
O3 GOL M . 24.78 30.55 19.51
C FG6 N . -20.19 -6.17 -14.10
N FG6 N . -18.12 -7.68 -14.36
O FG6 N . -20.66 -5.01 -14.25
CA FG6 N . -18.92 -6.49 -14.87
CAA FG6 N . -15.33 -12.79 -16.64
OAC FG6 N . -17.61 -5.88 -12.23
OAD FG6 N . -18.78 -7.62 -8.46
OAE FG6 N . -18.96 -5.53 -9.72
CAG FG6 N . -12.90 -5.13 -6.61
CAH FG6 N . -12.77 -4.22 -7.66
CAI FG6 N . -17.65 -10.02 -17.16
CAJ FG6 N . -14.01 -5.96 -6.60
CAK FG6 N . -13.77 -4.18 -8.65
CAL FG6 N . -18.09 -8.89 -16.49
CAM FG6 N . -16.62 -10.70 -15.09
CAN FG6 N . -16.04 -6.60 -7.77
CAO FG6 N . -16.94 -9.13 -13.21
NAQ FG6 N . -17.89 -7.68 -10.87
OAR FG6 N . -16.47 -12.08 -17.14
OAS FG6 N . -15.93 -5.19 -9.41
CAU FG6 N . -17.71 -7.11 -12.08
CAV FG6 N . -16.90 -10.95 -16.46
CAW FG6 N . -16.62 -6.17 -8.88
CAX FG6 N . -17.60 -7.95 -13.15
CAY FG6 N . -14.92 -5.90 -7.57
CAZ FG6 N . -17.07 -9.59 -14.48
CBA FG6 N . -14.81 -5.02 -8.58
CBB FG6 N . -17.80 -8.69 -15.18
SBD FG6 N . -18.08 -6.76 -9.49
OXT FG6 N . -20.70 -7.05 -13.39
C1 EDO O . -8.67 2.29 5.00
O1 EDO O . -8.79 1.34 6.05
C2 EDO O . -8.55 3.66 5.63
O2 EDO O . -8.33 4.55 4.56
C1 EOH P . 3.79 -3.23 -23.71
C2 EOH P . 5.28 -3.51 -23.83
O EOH P . 3.38 -2.98 -22.38
C1 GOL Q . 0.06 -9.73 -1.77
O1 GOL Q . -1.27 -10.14 -1.62
C2 GOL Q . 0.60 -9.29 -0.42
O2 GOL Q . -0.22 -9.86 0.58
C3 GOL Q . 1.98 -9.89 -0.23
O3 GOL Q . 3.07 -9.16 -0.76
#